data_5WNJ
#
_entry.id   5WNJ
#
_cell.length_a   70.825
_cell.length_b   110.247
_cell.length_c   145.536
_cell.angle_alpha   90.00
_cell.angle_beta   90.00
_cell.angle_gamma   90.00
#
_symmetry.space_group_name_H-M   'I 21 21 21'
#
loop_
_entity.id
_entity.type
_entity.pdbx_description
1 polymer 'Receptor-interacting serine/threonine-protein kinase 4'
2 non-polymer Lestaurtinib
3 non-polymer 'CHLORIDE ION'
4 water water
#
_entity_poly.entity_id   1
_entity_poly.type   'polypeptide(L)'
_entity_poly.pdbx_seq_one_letter_code
;MEGEGRGRWALGLLRTFDAGEFAGWEKVGSGGFGQVYKVRHVHWKTWLAIKCSPSLHVDDRERMELLEEAKKMEMAKFRY
ILPVYGICQEPVGLVMEYMETGSLEKLLASEPLPWDLRFRIVHETAVGMNFLHCMSPPLLHLNLKPANILLDAHYHVKIS
DFGLAKCNGMSHSHDLSMDGLFGTIAYLPPERIREKSRLFDTKHDVYSFAIVIWGVLTQKKPFADEKNILHIMMKVVKGH
RPELPPICRPRPRACASLIGLMQRCWHADPQVRPTFQEITSETEDLCEKPDEEVKDLAHEPGEKSSLESKSEARPESSRL
KRASAPPFDNDCSLSELLSQLD
;
_entity_poly.pdbx_strand_id   A
#
# COMPACT_ATOMS: atom_id res chain seq x y z
N ALA A 10 -2.30 -16.25 16.88
CA ALA A 10 -2.44 -15.39 15.67
C ALA A 10 -3.75 -15.66 14.90
N LEU A 11 -3.93 -16.92 14.49
CA LEU A 11 -5.14 -17.38 13.79
C LEU A 11 -6.26 -17.88 14.72
N GLY A 12 -6.05 -17.79 16.04
CA GLY A 12 -7.05 -18.19 17.03
C GLY A 12 -8.25 -17.25 17.13
N LEU A 13 -7.99 -15.94 17.05
CA LEU A 13 -9.05 -14.92 17.10
C LEU A 13 -9.83 -14.72 15.79
N LEU A 14 -9.30 -15.18 14.66
CA LEU A 14 -10.01 -15.05 13.38
C LEU A 14 -11.25 -15.96 13.34
N ARG A 15 -12.30 -15.47 12.70
CA ARG A 15 -13.57 -16.19 12.60
C ARG A 15 -13.73 -16.76 11.21
N THR A 16 -14.44 -17.88 11.11
CA THR A 16 -14.86 -18.41 9.82
C THR A 16 -16.23 -17.79 9.55
N PHE A 17 -16.43 -17.30 8.35
CA PHE A 17 -17.70 -16.69 7.98
C PHE A 17 -18.42 -17.60 6.98
N ASP A 18 -19.71 -17.83 7.20
CA ASP A 18 -20.55 -18.48 6.21
C ASP A 18 -21.18 -17.39 5.36
N ALA A 19 -21.29 -17.62 4.05
CA ALA A 19 -21.80 -16.60 3.11
C ALA A 19 -23.22 -16.12 3.41
N GLY A 20 -24.01 -16.91 4.13
CA GLY A 20 -25.33 -16.50 4.62
C GLY A 20 -25.30 -15.35 5.61
N GLU A 21 -24.18 -15.19 6.32
CA GLU A 21 -23.96 -14.04 7.22
C GLU A 21 -23.89 -12.68 6.47
N PHE A 22 -23.62 -12.70 5.15
CA PHE A 22 -23.45 -11.49 4.35
C PHE A 22 -24.62 -11.21 3.41
N ALA A 23 -24.76 -9.94 3.02
CA ALA A 23 -25.78 -9.52 2.05
C ALA A 23 -25.34 -8.28 1.26
N GLY A 24 -26.13 -7.94 0.23
CA GLY A 24 -25.92 -6.74 -0.57
C GLY A 24 -24.57 -6.67 -1.26
N TRP A 25 -24.12 -7.80 -1.79
CA TRP A 25 -22.77 -7.94 -2.39
C TRP A 25 -22.63 -6.92 -3.51
N GLU A 26 -21.56 -6.12 -3.47
CA GLU A 26 -21.38 -4.99 -4.38
C GLU A 26 -19.90 -4.89 -4.72
N LYS A 27 -19.57 -5.06 -6.00
CA LYS A 27 -18.18 -5.09 -6.45
C LYS A 27 -17.52 -3.72 -6.26
N VAL A 28 -16.30 -3.73 -5.74
CA VAL A 28 -15.43 -2.54 -5.67
C VAL A 28 -14.02 -2.75 -6.24
N GLY A 29 -13.62 -4.01 -6.52
CA GLY A 29 -12.22 -4.37 -6.75
C GLY A 29 -11.76 -4.46 -8.19
N SER A 30 -10.59 -5.10 -8.36
CA SER A 30 -9.88 -5.20 -9.65
C SER A 30 -9.76 -3.86 -10.40
N PHE A 33 -6.01 -10.95 -10.14
CA PHE A 33 -5.90 -10.33 -8.81
C PHE A 33 -6.83 -11.01 -7.79
N GLY A 34 -8.13 -10.87 -8.02
CA GLY A 34 -9.18 -11.33 -7.09
C GLY A 34 -10.21 -10.23 -6.87
N GLN A 35 -11.49 -10.57 -6.90
CA GLN A 35 -12.57 -9.58 -6.78
C GLN A 35 -12.80 -9.17 -5.32
N VAL A 36 -12.97 -7.87 -5.09
CA VAL A 36 -13.28 -7.33 -3.76
C VAL A 36 -14.71 -6.82 -3.75
N TYR A 37 -15.45 -7.21 -2.70
CA TYR A 37 -16.85 -6.84 -2.54
C TYR A 37 -17.08 -6.16 -1.20
N LYS A 38 -17.92 -5.13 -1.24
CA LYS A 38 -18.56 -4.55 -0.06
C LYS A 38 -19.74 -5.45 0.30
N VAL A 39 -19.75 -5.98 1.52
CA VAL A 39 -20.85 -6.80 2.02
C VAL A 39 -21.41 -6.20 3.33
N ARG A 40 -22.71 -6.35 3.55
CA ARG A 40 -23.29 -6.08 4.85
C ARG A 40 -23.30 -7.38 5.64
N HIS A 41 -22.74 -7.35 6.84
CA HIS A 41 -22.92 -8.43 7.80
C HIS A 41 -24.24 -8.16 8.49
N VAL A 42 -25.24 -9.01 8.25
CA VAL A 42 -26.62 -8.73 8.69
C VAL A 42 -26.78 -8.69 10.20
N HIS A 43 -26.13 -9.61 10.92
CA HIS A 43 -26.24 -9.67 12.39
C HIS A 43 -25.44 -8.57 13.10
N TRP A 44 -24.32 -8.16 12.52
CA TRP A 44 -23.47 -7.11 13.08
C TRP A 44 -23.86 -5.70 12.61
N LYS A 45 -24.75 -5.62 11.62
CA LYS A 45 -25.31 -4.33 11.17
C LYS A 45 -24.23 -3.31 10.80
N THR A 46 -23.22 -3.81 10.10
CA THR A 46 -22.11 -3.02 9.64
C THR A 46 -21.61 -3.64 8.35
N TRP A 47 -20.83 -2.88 7.61
CA TRP A 47 -20.29 -3.30 6.33
C TRP A 47 -18.86 -3.81 6.53
N LEU A 48 -18.48 -4.78 5.71
CA LEU A 48 -17.12 -5.32 5.67
C LEU A 48 -16.70 -5.45 4.21
N ALA A 49 -15.45 -5.86 4.01
CA ALA A 49 -14.89 -6.05 2.67
C ALA A 49 -14.38 -7.48 2.57
N ILE A 50 -14.67 -8.13 1.44
CA ILE A 50 -14.21 -9.50 1.21
C ILE A 50 -13.52 -9.57 -0.15
N LYS A 51 -12.28 -10.07 -0.15
CA LYS A 51 -11.49 -10.27 -1.37
C LYS A 51 -11.54 -11.77 -1.71
N CYS A 52 -12.27 -12.11 -2.77
CA CYS A 52 -12.39 -13.50 -3.23
C CYS A 52 -11.29 -13.86 -4.23
N SER A 53 -10.95 -15.15 -4.25
CA SER A 53 -9.97 -15.69 -5.22
C SER A 53 -10.47 -15.57 -6.67
N PRO A 54 -9.55 -15.33 -7.64
CA PRO A 54 -9.94 -15.29 -9.06
C PRO A 54 -10.18 -16.66 -9.71
N SER A 55 -9.57 -17.73 -9.18
CA SER A 55 -9.66 -19.07 -9.77
C SER A 55 -11.02 -19.77 -9.53
N LEU A 56 -11.20 -20.92 -10.19
CA LEU A 56 -12.38 -21.76 -10.02
C LEU A 56 -12.17 -22.81 -8.92
N HIS A 57 -11.10 -23.59 -9.07
CA HIS A 57 -10.71 -24.60 -8.08
C HIS A 57 -9.71 -24.00 -7.08
N VAL A 58 -10.18 -23.68 -5.88
CA VAL A 58 -9.33 -23.17 -4.81
C VAL A 58 -8.62 -24.33 -4.12
N ASP A 59 -7.38 -24.58 -4.54
CA ASP A 59 -6.57 -25.68 -3.99
C ASP A 59 -6.06 -25.40 -2.57
N ASP A 60 -5.39 -26.38 -1.96
CA ASP A 60 -4.81 -26.23 -0.62
C ASP A 60 -3.64 -25.23 -0.56
N ARG A 61 -2.98 -24.98 -1.69
CA ARG A 61 -1.95 -23.93 -1.78
C ARG A 61 -2.53 -22.53 -1.53
N GLU A 62 -3.65 -22.21 -2.19
CA GLU A 62 -4.32 -20.91 -2.01
C GLU A 62 -4.88 -20.74 -0.60
N ARG A 63 -5.69 -21.71 -0.17
CA ARG A 63 -6.33 -21.68 1.16
C ARG A 63 -5.34 -21.53 2.32
N MET A 64 -4.13 -22.08 2.18
CA MET A 64 -3.05 -21.90 3.16
C MET A 64 -2.39 -20.51 3.03
N GLU A 65 -2.18 -20.04 1.80
CA GLU A 65 -1.65 -18.69 1.55
C GLU A 65 -2.59 -17.59 2.05
N LEU A 66 -3.90 -17.79 1.84
CA LEU A 66 -4.94 -16.87 2.33
C LEU A 66 -4.94 -16.78 3.86
N LEU A 67 -4.73 -17.93 4.51
CA LEU A 67 -4.59 -17.98 5.95
C LEU A 67 -3.31 -17.28 6.40
N GLU A 68 -2.22 -17.50 5.65
CA GLU A 68 -0.96 -16.78 5.89
C GLU A 68 -1.12 -15.25 5.73
N GLU A 69 -1.88 -14.83 4.72
CA GLU A 69 -2.16 -13.40 4.51
C GLU A 69 -2.91 -12.81 5.71
N ALA A 70 -3.89 -13.55 6.22
CA ALA A 70 -4.71 -13.11 7.35
C ALA A 70 -3.91 -13.02 8.64
N LYS A 71 -3.07 -14.03 8.87
CA LYS A 71 -2.26 -14.08 10.10
C LYS A 71 -1.23 -12.95 10.13
N LYS A 72 -0.65 -12.62 8.98
CA LYS A 72 0.27 -11.49 8.86
C LYS A 72 -0.43 -10.14 9.17
N MET A 73 -1.65 -9.96 8.67
CA MET A 73 -2.46 -8.78 8.99
C MET A 73 -2.80 -8.67 10.48
N GLU A 74 -3.17 -9.80 11.09
CA GLU A 74 -3.54 -9.82 12.52
C GLU A 74 -2.34 -9.47 13.40
N MET A 75 -1.18 -10.04 13.11
CA MET A 75 0.07 -9.70 13.84
C MET A 75 0.42 -8.21 13.78
N ALA A 76 -0.01 -7.51 12.74
CA ALA A 76 0.26 -6.08 12.58
C ALA A 76 -0.95 -5.17 12.92
N LYS A 77 -1.83 -5.61 13.83
CA LYS A 77 -2.89 -4.74 14.38
C LYS A 77 -2.34 -3.36 14.72
N PHE A 78 -2.87 -2.33 14.08
CA PHE A 78 -2.38 -0.96 14.26
C PHE A 78 -3.40 0.02 13.66
N ARG A 79 -3.41 1.23 14.19
CA ARG A 79 -4.26 2.35 13.72
C ARG A 79 -4.17 2.58 12.20
N TYR A 80 -3.00 2.37 11.62
CA TYR A 80 -2.73 2.64 10.20
C TYR A 80 -2.54 1.38 9.33
N ILE A 81 -3.00 0.23 9.82
CA ILE A 81 -2.96 -1.04 9.11
C ILE A 81 -4.40 -1.57 9.06
N LEU A 82 -4.81 -2.07 7.90
CA LEU A 82 -6.20 -2.52 7.70
C LEU A 82 -6.49 -3.71 8.62
N PRO A 83 -7.50 -3.58 9.49
CA PRO A 83 -7.88 -4.75 10.29
C PRO A 83 -8.46 -5.90 9.46
N VAL A 84 -8.18 -7.12 9.92
CA VAL A 84 -8.70 -8.33 9.32
C VAL A 84 -9.64 -9.01 10.33
N TYR A 85 -10.75 -9.55 9.83
CA TYR A 85 -11.74 -10.22 10.70
C TYR A 85 -11.72 -11.76 10.61
N GLY A 86 -11.43 -12.29 9.42
CA GLY A 86 -11.27 -13.73 9.24
C GLY A 86 -11.40 -14.15 7.79
N ILE A 87 -11.93 -15.35 7.56
CA ILE A 87 -12.07 -15.90 6.21
C ILE A 87 -13.48 -16.42 5.94
N CYS A 88 -13.92 -16.26 4.70
CA CYS A 88 -15.09 -16.97 4.21
C CYS A 88 -14.63 -18.26 3.51
N GLN A 89 -15.34 -19.36 3.76
CA GLN A 89 -15.06 -20.66 3.10
C GLN A 89 -15.98 -20.91 1.90
N GLU A 90 -17.25 -20.49 2.02
CA GLU A 90 -18.29 -20.73 1.02
C GLU A 90 -17.85 -20.25 -0.37
N PRO A 91 -17.79 -18.92 -0.60
CA PRO A 91 -16.75 -18.41 -1.52
C PRO A 91 -15.46 -18.20 -0.73
N VAL A 92 -14.33 -18.62 -1.29
CA VAL A 92 -13.05 -18.54 -0.57
C VAL A 92 -12.58 -17.09 -0.62
N GLY A 93 -12.53 -16.45 0.55
CA GLY A 93 -12.22 -15.03 0.64
C GLY A 93 -11.68 -14.60 1.98
N LEU A 94 -10.98 -13.47 1.99
CA LEU A 94 -10.45 -12.88 3.20
C LEU A 94 -11.39 -11.75 3.61
N VAL A 95 -11.83 -11.76 4.87
CA VAL A 95 -12.83 -10.80 5.38
C VAL A 95 -12.15 -9.71 6.21
N MET A 96 -12.38 -8.44 5.81
CA MET A 96 -11.60 -7.29 6.28
C MET A 96 -12.49 -6.09 6.52
N GLU A 97 -11.94 -5.08 7.20
CA GLU A 97 -12.62 -3.80 7.39
C GLU A 97 -12.93 -3.12 6.05
N TYR A 98 -14.06 -2.43 6.00
CA TYR A 98 -14.49 -1.66 4.83
C TYR A 98 -14.02 -0.22 4.96
N MET A 99 -13.35 0.27 3.91
CA MET A 99 -12.81 1.62 3.86
C MET A 99 -13.59 2.42 2.81
N GLU A 100 -14.57 3.20 3.26
CA GLU A 100 -15.56 3.87 2.39
C GLU A 100 -14.98 4.61 1.17
N THR A 101 -13.89 5.34 1.39
CA THR A 101 -13.37 6.23 0.36
C THR A 101 -12.53 5.51 -0.70
N GLY A 102 -12.16 4.26 -0.45
CA GLY A 102 -11.43 3.48 -1.45
C GLY A 102 -9.95 3.82 -1.41
N SER A 103 -9.30 3.76 -2.57
CA SER A 103 -7.86 3.82 -2.65
C SER A 103 -7.33 5.22 -2.93
N LEU A 104 -6.07 5.42 -2.57
CA LEU A 104 -5.36 6.64 -2.91
C LEU A 104 -5.27 6.82 -4.43
N GLU A 105 -5.09 5.73 -5.16
CA GLU A 105 -5.03 5.76 -6.62
C GLU A 105 -6.26 6.45 -7.22
N LYS A 106 -7.44 6.05 -6.74
CA LYS A 106 -8.70 6.63 -7.16
C LYS A 106 -8.83 8.09 -6.71
N LEU A 107 -8.40 8.39 -5.48
CA LEU A 107 -8.44 9.75 -4.96
C LEU A 107 -7.56 10.70 -5.76
N LEU A 108 -6.33 10.26 -6.05
CA LEU A 108 -5.38 11.06 -6.84
C LEU A 108 -5.88 11.37 -8.25
N ALA A 109 -6.67 10.47 -8.83
CA ALA A 109 -7.22 10.68 -10.17
C ALA A 109 -8.53 11.50 -10.19
N SER A 110 -9.17 11.70 -9.04
CA SER A 110 -10.51 12.30 -8.97
C SER A 110 -10.49 13.83 -9.08
N GLU A 111 -9.86 14.51 -8.12
CA GLU A 111 -9.78 15.97 -8.10
C GLU A 111 -8.51 16.46 -7.40
N PRO A 112 -8.14 17.76 -7.59
CA PRO A 112 -6.95 18.28 -6.90
C PRO A 112 -7.14 18.32 -5.38
N LEU A 113 -6.21 17.74 -4.63
CA LEU A 113 -6.30 17.62 -3.18
C LEU A 113 -5.59 18.76 -2.48
N PRO A 114 -6.16 19.28 -1.38
CA PRO A 114 -5.40 20.29 -0.64
C PRO A 114 -4.11 19.71 -0.07
N TRP A 115 -3.07 20.54 -0.10
CA TRP A 115 -1.73 20.15 0.36
C TRP A 115 -1.65 19.62 1.78
N ASP A 116 -2.47 20.14 2.70
CA ASP A 116 -2.46 19.63 4.08
C ASP A 116 -2.87 18.17 4.15
N LEU A 117 -3.86 17.80 3.33
CA LEU A 117 -4.30 16.41 3.26
C LEU A 117 -3.22 15.51 2.63
N ARG A 118 -2.59 16.00 1.57
CA ARG A 118 -1.50 15.27 0.91
C ARG A 118 -0.37 14.93 1.90
N PHE A 119 0.02 15.92 2.69
CA PHE A 119 1.10 15.72 3.67
C PHE A 119 0.67 14.73 4.75
N ARG A 120 -0.59 14.80 5.17
CA ARG A 120 -1.10 13.88 6.18
C ARG A 120 -1.19 12.44 5.64
N ILE A 121 -1.55 12.27 4.37
CA ILE A 121 -1.58 10.93 3.77
C ILE A 121 -0.18 10.32 3.73
N VAL A 122 0.79 11.12 3.32
CA VAL A 122 2.19 10.67 3.25
C VAL A 122 2.66 10.26 4.64
N HIS A 123 2.41 11.13 5.63
CA HIS A 123 2.85 10.88 6.98
C HIS A 123 2.23 9.62 7.56
N GLU A 124 0.91 9.50 7.46
CA GLU A 124 0.20 8.33 7.98
C GLU A 124 0.66 7.02 7.32
N THR A 125 0.83 7.05 6.00
CA THR A 125 1.40 5.91 5.28
C THR A 125 2.78 5.55 5.85
N ALA A 126 3.60 6.55 6.12
CA ALA A 126 4.95 6.34 6.67
C ALA A 126 4.91 5.74 8.07
N VAL A 127 3.98 6.21 8.90
CA VAL A 127 3.83 5.70 10.28
C VAL A 127 3.39 4.22 10.29
N GLY A 128 2.48 3.87 9.38
CA GLY A 128 2.09 2.47 9.20
C GLY A 128 3.24 1.60 8.75
N MET A 129 3.96 2.05 7.73
CA MET A 129 5.16 1.32 7.27
C MET A 129 6.22 1.17 8.36
N ASN A 130 6.42 2.22 9.15
CA ASN A 130 7.37 2.20 10.27
C ASN A 130 6.97 1.16 11.30
N PHE A 131 5.68 1.00 11.54
CA PHE A 131 5.18 0.00 12.48
C PHE A 131 5.53 -1.41 12.01
N LEU A 132 5.30 -1.68 10.72
CA LEU A 132 5.63 -2.98 10.14
C LEU A 132 7.12 -3.30 10.33
N HIS A 133 7.99 -2.35 9.98
CA HIS A 133 9.45 -2.53 10.10
C HIS A 133 9.98 -2.56 11.53
N CYS A 134 9.18 -2.12 12.50
CA CYS A 134 9.49 -2.20 13.92
C CYS A 134 9.15 -3.54 14.58
N MET A 135 8.39 -4.38 13.91
CA MET A 135 8.06 -5.70 14.44
C MET A 135 9.33 -6.54 14.56
N SER A 136 9.28 -7.57 15.40
CA SER A 136 10.40 -8.49 15.61
C SER A 136 9.95 -9.89 15.19
N PRO A 137 10.41 -10.42 14.04
CA PRO A 137 11.24 -9.73 13.05
C PRO A 137 10.44 -8.72 12.19
N PRO A 138 11.14 -7.88 11.40
CA PRO A 138 10.44 -6.90 10.55
C PRO A 138 9.52 -7.54 9.54
N LEU A 139 8.36 -6.93 9.31
CA LEU A 139 7.44 -7.37 8.29
C LEU A 139 7.62 -6.45 7.07
N LEU A 140 8.08 -7.03 5.96
CA LEU A 140 8.25 -6.29 4.71
C LEU A 140 6.95 -6.37 3.94
N HIS A 141 6.44 -5.23 3.49
CA HIS A 141 5.16 -5.20 2.78
C HIS A 141 5.32 -5.70 1.34
N LEU A 142 6.29 -5.11 0.64
CA LEU A 142 6.70 -5.50 -0.72
C LEU A 142 5.68 -5.27 -1.86
N ASN A 143 4.52 -4.69 -1.56
CA ASN A 143 3.53 -4.33 -2.57
C ASN A 143 2.91 -2.94 -2.32
N LEU A 144 3.69 -2.02 -1.76
CA LEU A 144 3.20 -0.70 -1.38
C LEU A 144 3.05 0.20 -2.63
N LYS A 145 1.83 0.66 -2.85
CA LYS A 145 1.48 1.53 -3.98
C LYS A 145 0.13 2.20 -3.70
N PRO A 146 -0.20 3.31 -4.41
CA PRO A 146 -1.45 4.03 -4.10
C PRO A 146 -2.69 3.14 -4.08
N ALA A 147 -2.73 2.13 -4.95
CA ALA A 147 -3.84 1.17 -5.00
C ALA A 147 -4.05 0.37 -3.70
N ASN A 148 -3.01 0.22 -2.89
CA ASN A 148 -3.06 -0.53 -1.64
C ASN A 148 -3.01 0.37 -0.40
N ILE A 149 -3.22 1.67 -0.59
CA ILE A 149 -3.31 2.61 0.52
C ILE A 149 -4.79 3.04 0.55
N LEU A 150 -5.51 2.55 1.56
CA LEU A 150 -6.95 2.78 1.64
C LEU A 150 -7.30 3.90 2.60
N LEU A 151 -8.45 4.51 2.36
CA LEU A 151 -8.87 5.73 3.03
C LEU A 151 -10.27 5.58 3.63
N ASP A 152 -10.43 6.02 4.87
CA ASP A 152 -11.72 5.92 5.56
C ASP A 152 -12.59 7.13 5.20
N ALA A 153 -13.77 7.23 5.81
CA ALA A 153 -14.71 8.33 5.52
C ALA A 153 -14.15 9.72 5.76
N HIS A 154 -13.13 9.84 6.61
CA HIS A 154 -12.49 11.13 6.90
C HIS A 154 -11.06 11.22 6.34
N TYR A 155 -10.78 10.36 5.34
CA TYR A 155 -9.54 10.37 4.57
C TYR A 155 -8.26 10.02 5.36
N HIS A 156 -8.41 9.17 6.38
CA HIS A 156 -7.27 8.63 7.14
C HIS A 156 -6.82 7.30 6.53
N VAL A 157 -5.52 7.07 6.57
CA VAL A 157 -4.88 5.97 5.86
C VAL A 157 -4.96 4.69 6.68
N LYS A 158 -5.23 3.59 5.98
CA LYS A 158 -4.93 2.26 6.48
C LYS A 158 -4.32 1.47 5.32
N ILE A 159 -3.15 0.87 5.57
CA ILE A 159 -2.41 0.09 4.56
C ILE A 159 -3.03 -1.31 4.40
N SER A 160 -3.25 -1.75 3.17
CA SER A 160 -3.84 -3.06 2.87
C SER A 160 -2.97 -3.86 1.89
N ASP A 161 -3.51 -5.02 1.49
CA ASP A 161 -2.86 -5.98 0.58
C ASP A 161 -1.55 -6.51 1.15
N PHE A 162 -1.66 -7.54 1.98
CA PHE A 162 -0.50 -8.24 2.52
C PHE A 162 -0.20 -9.55 1.77
N GLY A 163 -0.76 -9.69 0.56
CA GLY A 163 -0.55 -10.86 -0.26
C GLY A 163 0.90 -11.24 -0.53
N LEU A 164 1.77 -10.23 -0.68
CA LEU A 164 3.19 -10.47 -1.01
C LEU A 164 4.15 -10.21 0.16
N ALA A 165 3.63 -10.02 1.38
CA ALA A 165 4.45 -9.65 2.52
C ALA A 165 5.28 -10.83 3.02
N LYS A 166 6.43 -10.52 3.63
CA LYS A 166 7.39 -11.53 4.06
C LYS A 166 8.04 -11.14 5.39
N CYS A 167 8.26 -12.14 6.24
CA CYS A 167 9.03 -11.98 7.50
C CYS A 167 10.49 -12.40 7.29
N PHE A 182 2.93 -6.39 -14.80
CA PHE A 182 1.75 -5.58 -14.51
C PHE A 182 2.16 -4.11 -14.34
N GLY A 183 1.31 -3.32 -13.67
CA GLY A 183 1.65 -1.93 -13.28
C GLY A 183 2.61 -1.75 -12.11
N THR A 184 3.02 -2.85 -11.45
CA THR A 184 3.96 -2.77 -10.32
C THR A 184 5.42 -2.41 -10.66
N ILE A 185 5.81 -2.37 -11.95
CA ILE A 185 7.22 -2.09 -12.32
C ILE A 185 7.75 -0.75 -11.79
N ALA A 186 6.88 0.26 -11.75
CA ALA A 186 7.26 1.58 -11.23
C ALA A 186 7.67 1.58 -9.76
N TYR A 187 7.12 0.65 -8.98
CA TYR A 187 7.39 0.54 -7.54
C TYR A 187 8.51 -0.42 -7.19
N LEU A 188 9.11 -1.02 -8.23
CA LEU A 188 10.11 -2.06 -8.06
C LEU A 188 11.48 -1.40 -7.92
N PRO A 189 12.21 -1.72 -6.85
CA PRO A 189 13.54 -1.12 -6.68
C PRO A 189 14.52 -1.59 -7.75
N PRO A 190 15.46 -0.70 -8.18
CA PRO A 190 16.40 -1.05 -9.26
C PRO A 190 17.31 -2.25 -8.98
N GLU A 191 17.61 -2.51 -7.70
CA GLU A 191 18.40 -3.68 -7.31
C GLU A 191 17.69 -5.01 -7.57
N ARG A 192 16.37 -4.96 -7.69
CA ARG A 192 15.57 -6.11 -8.03
C ARG A 192 15.59 -6.39 -9.54
N ILE A 193 15.92 -5.37 -10.32
CA ILE A 193 16.17 -5.52 -11.76
C ILE A 193 17.64 -5.87 -12.01
N ARG A 194 18.55 -5.36 -11.17
CA ARG A 194 19.99 -5.64 -11.31
C ARG A 194 20.38 -7.08 -11.00
N GLU A 195 19.83 -7.63 -9.93
CA GLU A 195 20.25 -8.92 -9.40
C GLU A 195 19.16 -9.94 -9.62
N LYS A 196 19.52 -11.11 -10.16
CA LYS A 196 18.59 -12.24 -10.26
C LYS A 196 18.26 -12.71 -8.84
N SER A 197 17.00 -12.57 -8.45
CA SER A 197 16.51 -12.93 -7.09
C SER A 197 17.46 -12.56 -5.92
N ARG A 198 17.46 -11.28 -5.60
CA ARG A 198 18.11 -10.71 -4.39
C ARG A 198 17.26 -11.04 -3.18
N LEU A 199 17.81 -10.95 -1.97
CA LEU A 199 17.00 -11.13 -0.76
C LEU A 199 16.27 -9.81 -0.41
N PHE A 200 14.97 -9.94 -0.11
CA PHE A 200 14.10 -8.81 0.22
C PHE A 200 14.51 -8.17 1.55
N ASP A 201 14.41 -6.84 1.60
CA ASP A 201 14.78 -6.07 2.79
C ASP A 201 13.91 -4.81 2.97
N THR A 202 14.10 -4.09 4.09
CA THR A 202 13.30 -2.90 4.38
C THR A 202 13.50 -1.77 3.36
N LYS A 203 14.66 -1.76 2.70
CA LYS A 203 14.97 -0.74 1.70
C LYS A 203 14.14 -0.86 0.41
N HIS A 204 13.51 -2.01 0.19
CA HIS A 204 12.57 -2.22 -0.91
C HIS A 204 11.33 -1.32 -0.72
N ASP A 205 10.68 -1.45 0.45
CA ASP A 205 9.51 -0.64 0.81
C ASP A 205 9.80 0.88 0.78
N VAL A 206 11.00 1.28 1.20
CA VAL A 206 11.39 2.69 1.21
C VAL A 206 11.41 3.26 -0.22
N TYR A 207 11.83 2.42 -1.19
CA TYR A 207 11.83 2.83 -2.60
C TYR A 207 10.41 3.01 -3.09
N SER A 208 9.55 2.04 -2.81
CA SER A 208 8.18 2.08 -3.28
C SER A 208 7.47 3.32 -2.73
N PHE A 209 7.71 3.60 -1.46
CA PHE A 209 7.20 4.79 -0.78
C PHE A 209 7.64 6.07 -1.49
N ALA A 210 8.87 6.10 -1.99
CA ALA A 210 9.33 7.24 -2.77
C ALA A 210 8.40 7.51 -3.95
N ILE A 211 8.01 6.44 -4.63
CA ILE A 211 7.19 6.54 -5.84
C ILE A 211 5.75 6.91 -5.45
N VAL A 212 5.34 6.52 -4.25
CA VAL A 212 4.05 6.96 -3.67
C VAL A 212 4.06 8.47 -3.43
N ILE A 213 5.12 8.97 -2.82
CA ILE A 213 5.32 10.41 -2.65
C ILE A 213 5.19 11.13 -4.00
N TRP A 214 5.82 10.58 -5.04
CA TRP A 214 5.78 11.19 -6.36
C TRP A 214 4.34 11.34 -6.83
N GLY A 215 3.55 10.27 -6.70
CA GLY A 215 2.14 10.29 -7.08
C GLY A 215 1.29 11.28 -6.29
N VAL A 216 1.56 11.40 -4.98
CA VAL A 216 0.87 12.38 -4.14
C VAL A 216 1.26 13.81 -4.58
N LEU A 217 2.54 14.03 -4.91
CA LEU A 217 2.99 15.37 -5.31
C LEU A 217 2.40 15.83 -6.63
N THR A 218 2.26 14.89 -7.58
CA THR A 218 1.82 15.20 -8.94
C THR A 218 0.38 14.86 -9.27
N GLN A 219 -0.23 13.95 -8.51
CA GLN A 219 -1.54 13.34 -8.85
C GLN A 219 -1.57 12.58 -10.19
N LYS A 220 -0.40 12.11 -10.61
CA LYS A 220 -0.23 11.36 -11.84
C LYS A 220 0.28 9.97 -11.48
N LYS A 221 0.06 9.02 -12.37
CA LYS A 221 0.69 7.70 -12.25
C LYS A 221 2.09 7.79 -12.87
N PRO A 222 3.08 7.14 -12.25
CA PRO A 222 4.46 7.23 -12.74
C PRO A 222 4.65 6.48 -14.07
N PHE A 223 5.44 7.07 -14.97
CA PHE A 223 5.70 6.49 -16.30
C PHE A 223 4.41 6.17 -17.06
N ALA A 224 3.43 7.07 -16.96
CA ALA A 224 2.13 6.91 -17.64
C ALA A 224 2.25 7.19 -19.14
N ASP A 225 3.02 8.22 -19.50
CA ASP A 225 3.21 8.60 -20.91
C ASP A 225 4.01 7.56 -21.72
N GLU A 226 4.93 6.87 -21.06
CA GLU A 226 5.96 6.04 -21.72
C GLU A 226 5.40 4.85 -22.51
N LYS A 227 6.10 4.51 -23.59
CA LYS A 227 5.72 3.42 -24.50
C LYS A 227 5.97 2.03 -23.87
N ASN A 228 7.24 1.60 -23.82
CA ASN A 228 7.59 0.27 -23.30
C ASN A 228 8.34 0.34 -21.96
N ILE A 229 8.05 -0.65 -21.12
CA ILE A 229 8.64 -0.80 -19.79
C ILE A 229 10.14 -1.08 -19.82
N LEU A 230 10.58 -1.88 -20.80
CA LEU A 230 11.96 -2.37 -20.83
C LEU A 230 13.00 -1.25 -20.91
N HIS A 231 12.74 -0.22 -21.72
CA HIS A 231 13.69 0.90 -21.84
C HIS A 231 13.78 1.65 -20.50
N ILE A 232 12.64 1.92 -19.88
CA ILE A 232 12.60 2.72 -18.66
C ILE A 232 13.19 1.95 -17.48
N MET A 233 12.82 0.68 -17.36
CA MET A 233 13.45 -0.25 -16.41
C MET A 233 14.97 -0.22 -16.50
N MET A 234 15.53 -0.38 -17.70
CA MET A 234 16.98 -0.28 -17.94
C MET A 234 17.55 1.07 -17.50
N LYS A 235 16.88 2.16 -17.87
CA LYS A 235 17.29 3.49 -17.41
C LYS A 235 17.20 3.64 -15.87
N VAL A 236 16.18 3.03 -15.25
CA VAL A 236 16.02 3.03 -13.77
C VAL A 236 17.21 2.38 -13.02
N VAL A 237 17.78 1.33 -13.62
CA VAL A 237 19.01 0.68 -13.12
C VAL A 237 20.23 1.64 -13.15
N LYS A 238 20.31 2.50 -14.18
CA LYS A 238 21.35 3.55 -14.28
C LYS A 238 21.09 4.84 -13.45
N GLY A 239 19.94 4.96 -12.79
CA GLY A 239 19.60 6.14 -11.97
C GLY A 239 18.45 7.03 -12.43
N HIS A 240 17.71 6.62 -13.46
CA HIS A 240 16.57 7.38 -13.99
C HIS A 240 15.33 7.20 -13.08
N ARG A 241 14.63 8.31 -12.85
CA ARG A 241 13.43 8.34 -12.01
C ARG A 241 12.33 9.18 -12.66
N PRO A 242 11.08 9.07 -12.18
CA PRO A 242 10.03 10.00 -12.60
C PRO A 242 10.44 11.48 -12.48
N GLU A 243 10.04 12.30 -13.45
CA GLU A 243 10.45 13.71 -13.53
C GLU A 243 10.03 14.45 -12.26
N LEU A 244 10.96 15.16 -11.64
CA LEU A 244 10.67 15.93 -10.44
C LEU A 244 9.60 16.97 -10.71
N PRO A 245 8.63 17.09 -9.80
CA PRO A 245 7.62 18.13 -9.98
C PRO A 245 8.19 19.49 -9.64
N PRO A 246 7.56 20.56 -10.12
CA PRO A 246 7.99 21.89 -9.71
C PRO A 246 7.55 22.14 -8.27
N ILE A 247 8.05 23.22 -7.68
CA ILE A 247 7.67 23.59 -6.32
C ILE A 247 6.29 24.26 -6.38
N CYS A 248 5.36 23.82 -5.55
CA CYS A 248 3.99 24.34 -5.54
C CYS A 248 3.91 25.72 -4.90
N ARG A 249 2.88 26.49 -5.27
CA ARG A 249 2.66 27.86 -4.74
C ARG A 249 2.10 27.91 -3.32
N PRO A 250 1.13 27.03 -2.97
CA PRO A 250 0.53 27.14 -1.63
C PRO A 250 1.44 26.76 -0.47
N ARG A 251 2.30 25.76 -0.65
CA ARG A 251 3.18 25.25 0.42
C ARG A 251 4.59 24.95 -0.13
N PRO A 252 5.29 25.98 -0.65
CA PRO A 252 6.57 25.76 -1.34
C PRO A 252 7.67 25.15 -0.46
N ARG A 253 7.73 25.54 0.82
CA ARG A 253 8.79 25.05 1.71
C ARG A 253 8.60 23.57 2.04
N ALA A 254 7.41 23.21 2.49
CA ALA A 254 7.10 21.82 2.77
C ALA A 254 7.21 20.92 1.52
N CYS A 255 6.76 21.45 0.38
CA CYS A 255 6.86 20.75 -0.88
C CYS A 255 8.33 20.46 -1.26
N ALA A 256 9.19 21.47 -1.14
CA ALA A 256 10.64 21.27 -1.36
C ALA A 256 11.21 20.18 -0.46
N SER A 257 10.87 20.24 0.83
CA SER A 257 11.35 19.25 1.80
C SER A 257 10.91 17.84 1.41
N LEU A 258 9.66 17.70 1.00
CA LEU A 258 9.13 16.41 0.58
C LEU A 258 9.78 15.90 -0.68
N ILE A 259 10.01 16.78 -1.66
CA ILE A 259 10.73 16.42 -2.88
C ILE A 259 12.13 15.87 -2.53
N GLY A 260 12.83 16.56 -1.64
CA GLY A 260 14.13 16.12 -1.15
C GLY A 260 14.12 14.74 -0.50
N LEU A 261 13.15 14.51 0.36
CA LEU A 261 13.00 13.22 1.06
C LEU A 261 12.70 12.09 0.07
N MET A 262 11.77 12.37 -0.84
CA MET A 262 11.45 11.46 -1.94
C MET A 262 12.72 11.01 -2.65
N GLN A 263 13.56 11.97 -3.01
CA GLN A 263 14.80 11.69 -3.74
C GLN A 263 15.77 10.79 -2.99
N ARG A 264 15.93 11.04 -1.71
CA ARG A 264 16.74 10.17 -0.88
C ARG A 264 16.16 8.75 -0.81
N CYS A 265 14.84 8.68 -0.67
CA CYS A 265 14.13 7.40 -0.63
C CYS A 265 14.22 6.57 -1.93
N TRP A 266 14.46 7.20 -3.08
CA TRP A 266 14.67 6.45 -4.35
C TRP A 266 16.12 6.39 -4.84
N HIS A 267 17.08 6.59 -3.94
CA HIS A 267 18.50 6.47 -4.27
C HIS A 267 18.80 5.08 -4.81
N ALA A 268 19.71 4.99 -5.76
CA ALA A 268 20.09 3.74 -6.39
C ALA A 268 20.74 2.75 -5.40
N ASP A 269 21.59 3.27 -4.52
CA ASP A 269 22.17 2.49 -3.44
C ASP A 269 21.17 2.30 -2.30
N PRO A 270 20.71 1.06 -2.05
CA PRO A 270 19.74 0.85 -0.97
C PRO A 270 20.20 1.30 0.41
N GLN A 271 21.49 1.23 0.70
CA GLN A 271 22.00 1.54 2.03
C GLN A 271 22.05 3.04 2.33
N VAL A 272 21.96 3.87 1.30
CA VAL A 272 21.92 5.34 1.46
C VAL A 272 20.48 5.84 1.73
N ARG A 273 19.49 5.01 1.43
CA ARG A 273 18.09 5.37 1.66
C ARG A 273 17.79 5.49 3.15
N PRO A 274 16.87 6.39 3.53
CA PRO A 274 16.53 6.47 4.94
C PRO A 274 15.74 5.26 5.44
N THR A 275 15.72 5.09 6.75
CA THR A 275 14.85 4.15 7.42
C THR A 275 13.50 4.86 7.60
N PHE A 276 12.45 4.09 7.80
CA PHE A 276 11.15 4.69 8.12
C PHE A 276 11.12 5.45 9.44
N GLN A 277 12.02 5.09 10.36
CA GLN A 277 12.24 5.87 11.60
C GLN A 277 12.68 7.30 11.24
N GLU A 278 13.63 7.44 10.32
CA GLU A 278 14.07 8.76 9.85
C GLU A 278 12.99 9.46 9.00
N ILE A 279 12.33 8.70 8.13
CA ILE A 279 11.23 9.24 7.31
C ILE A 279 10.11 9.82 8.14
N THR A 280 9.62 9.06 9.13
CA THR A 280 8.48 9.48 9.92
C THR A 280 8.76 10.76 10.70
N SER A 281 10.01 10.91 11.13
CA SER A 281 10.44 12.11 11.84
C SER A 281 10.32 13.37 10.98
N GLU A 282 10.65 13.24 9.71
CA GLU A 282 10.55 14.35 8.77
C GLU A 282 9.14 14.62 8.27
N THR A 283 8.39 13.56 7.98
CA THR A 283 7.03 13.71 7.49
C THR A 283 6.11 14.28 8.58
N GLU A 284 6.42 14.01 9.84
CA GLU A 284 5.69 14.60 10.95
C GLU A 284 5.80 16.14 10.94
N ASP A 285 6.99 16.67 10.66
CA ASP A 285 7.22 18.13 10.59
C ASP A 285 6.49 18.81 9.42
N LEU A 286 6.19 18.06 8.37
CA LEU A 286 5.38 18.57 7.26
C LEU A 286 3.91 18.80 7.66
N CYS A 287 3.43 18.06 8.66
CA CYS A 287 2.05 18.17 9.14
C CYS A 287 1.85 19.28 10.16
N GLU A 288 2.72 19.36 11.17
CA GLU A 288 2.63 20.37 12.23
C GLU A 288 2.92 21.78 11.71
N LYS A 289 1.93 22.37 11.04
CA LYS A 289 2.03 23.70 10.40
C LYS A 289 3.08 23.79 9.28
#